data_1SP3
#
_entry.id   1SP3
#
_cell.length_a   40.590
_cell.length_b   61.767
_cell.length_c   185.237
_cell.angle_alpha   90.00
_cell.angle_beta   90.00
_cell.angle_gamma   90.00
#
_symmetry.space_group_name_H-M   'P 21 21 21'
#
loop_
_entity.id
_entity.type
_entity.pdbx_description
1 polymer 'cytochrome c, putative'
2 non-polymer 'THIOCYANATE ION'
3 non-polymer 'HEME C'
4 water water
#
_entity_poly.entity_id   1
_entity_poly.type   'polypeptide(L)'
_entity_poly.pdbx_seq_one_letter_code
;ANPHKDVLKGPFTTGSEVTTQCLTCHEEQATDMMKTSHWTWELEQKLPDRTVVRGKKNSINNFCVAISSNEPRCTSCHAG
YGWKDNTFDFKDKTKVDCLICHDTTGTYVKDPAGAGEPMAKLDLAKIAQNVGAPVRDNCGSCHFYGGGGDAVKHGDLDSS
MAYPDKATDVHMDSDGNNFQCQNCHTTEKHQISGNAMGVSPGGIDHIGCENCHDSAPHSNKKLNTHTATVACQTCHIPFF
AKNEPTKMQWDWSTAGDDKPETVDQYGKHTYQKKKGNFVWEKMVKPQYAWYNGTANAYMAGDKMDSNVVTKLTYPMGDIN
DAKAKIYPFKVHTGKQIYDKKLNIFITPKTYGKGGYWSEFDWNLAAKLGMEANPTMLEKGIKYSGEYDFAATEMWWRINH
MVSPKEQALNCNDCHNKGTRLDWQALGYQGDPMKNKQGPKHKQ
;
_entity_poly.pdbx_strand_id   A
#
loop_
_chem_comp.id
_chem_comp.type
_chem_comp.name
_chem_comp.formula
HEC non-polymer 'HEME C' 'C34 H34 Fe N4 O4'
SCN non-polymer 'THIOCYANATE ION' 'C N S -1'
#
# COMPACT_ATOMS: atom_id res chain seq x y z
N ALA A 1 -17.14 -29.43 -13.66
CA ALA A 1 -16.77 -28.45 -14.68
C ALA A 1 -17.85 -27.33 -14.70
N ASN A 2 -17.45 -26.10 -14.91
CA ASN A 2 -18.41 -25.03 -15.07
C ASN A 2 -18.64 -24.78 -16.57
N PRO A 3 -19.62 -23.93 -16.95
CA PRO A 3 -19.96 -23.65 -18.34
C PRO A 3 -18.99 -22.75 -19.12
N HIS A 4 -17.97 -22.16 -18.46
CA HIS A 4 -17.19 -21.06 -19.08
C HIS A 4 -16.77 -21.27 -20.53
N LYS A 5 -16.12 -22.40 -20.78
CA LYS A 5 -15.48 -22.71 -22.04
C LYS A 5 -16.44 -22.79 -23.22
N ASP A 6 -17.69 -23.10 -22.89
CA ASP A 6 -18.84 -23.20 -23.79
C ASP A 6 -19.55 -21.86 -24.02
N VAL A 7 -19.65 -21.02 -22.98
CA VAL A 7 -20.55 -19.85 -23.05
C VAL A 7 -19.89 -18.49 -23.41
N LEU A 8 -18.56 -18.45 -23.44
CA LEU A 8 -17.87 -17.17 -23.51
C LEU A 8 -17.05 -17.10 -24.78
N LYS A 9 -17.62 -17.53 -25.91
CA LYS A 9 -16.83 -17.46 -27.16
C LYS A 9 -16.65 -16.00 -27.71
N GLY A 10 -17.50 -15.06 -27.27
CA GLY A 10 -17.43 -13.66 -27.69
C GLY A 10 -17.70 -13.54 -29.18
N PRO A 11 -16.82 -12.93 -30.01
CA PRO A 11 -15.94 -11.77 -29.74
C PRO A 11 -16.27 -10.75 -28.64
N PHE A 12 -15.26 -10.29 -27.91
CA PHE A 12 -15.42 -9.20 -26.91
C PHE A 12 -14.44 -8.11 -27.32
N THR A 13 -14.89 -6.86 -27.40
CA THR A 13 -13.87 -5.85 -27.73
C THR A 13 -13.54 -4.97 -26.54
N THR A 14 -14.40 -4.97 -25.50
CA THR A 14 -14.15 -4.16 -24.29
C THR A 14 -14.26 -5.00 -23.01
N GLY A 15 -13.74 -4.49 -21.90
CA GLY A 15 -13.84 -5.19 -20.63
C GLY A 15 -15.27 -5.36 -20.17
N SER A 16 -16.08 -4.29 -20.25
CA SER A 16 -17.49 -4.37 -19.78
C SER A 16 -18.31 -5.31 -20.56
N GLU A 17 -17.99 -5.51 -21.84
CA GLU A 17 -18.69 -6.57 -22.60
C GLU A 17 -18.42 -7.97 -22.06
N VAL A 18 -17.18 -8.18 -21.60
CA VAL A 18 -16.89 -9.40 -20.91
C VAL A 18 -17.72 -9.42 -19.66
N THR A 19 -17.74 -8.32 -18.92
CA THR A 19 -18.35 -8.35 -17.60
C THR A 19 -19.82 -8.55 -17.77
N THR A 20 -20.39 -7.88 -18.77
CA THR A 20 -21.81 -8.05 -18.98
C THR A 20 -22.24 -9.51 -19.26
N GLN A 21 -21.35 -10.27 -19.87
CA GLN A 21 -21.55 -11.72 -19.85
C GLN A 21 -21.53 -12.37 -18.44
N CYS A 22 -20.42 -12.17 -17.69
CA CYS A 22 -20.27 -12.74 -16.33
C CYS A 22 -21.52 -12.51 -15.47
N LEU A 23 -22.06 -11.33 -15.57
CA LEU A 23 -23.31 -11.03 -14.85
C LEU A 23 -24.55 -11.86 -15.30
N THR A 24 -24.60 -12.49 -16.45
CA THR A 24 -25.82 -13.33 -16.70
C THR A 24 -25.91 -14.44 -15.61
N CYS A 25 -24.78 -14.78 -14.97
CA CYS A 25 -24.76 -15.83 -13.95
C CYS A 25 -24.16 -15.41 -12.64
N HIS A 26 -23.38 -14.31 -12.58
CA HIS A 26 -22.68 -13.95 -11.36
C HIS A 26 -23.04 -12.53 -10.88
N GLU A 27 -24.25 -12.09 -11.16
CA GLU A 27 -24.77 -10.89 -10.52
C GLU A 27 -24.55 -10.78 -9.01
N GLU A 28 -24.69 -11.89 -8.31
CA GLU A 28 -24.41 -11.88 -6.88
C GLU A 28 -22.96 -11.45 -6.52
N GLN A 29 -22.00 -12.09 -7.17
CA GLN A 29 -20.58 -11.81 -6.95
C GLN A 29 -20.27 -10.33 -7.23
N ALA A 30 -20.82 -9.75 -8.30
CA ALA A 30 -20.64 -8.33 -8.60
C ALA A 30 -21.18 -7.50 -7.46
N THR A 31 -22.40 -7.77 -7.06
CA THR A 31 -23.03 -7.03 -5.99
C THR A 31 -22.20 -7.09 -4.73
N ASP A 32 -21.75 -8.30 -4.39
CA ASP A 32 -20.91 -8.51 -3.21
C ASP A 32 -19.57 -7.75 -3.29
N MET A 33 -18.93 -7.82 -4.42
CA MET A 33 -17.61 -7.27 -4.58
C MET A 33 -17.74 -5.75 -4.46
N MET A 34 -18.84 -5.24 -5.00
CA MET A 34 -18.98 -3.78 -5.09
C MET A 34 -19.23 -3.16 -3.71
N LYS A 35 -19.53 -4.01 -2.71
CA LYS A 35 -19.63 -3.48 -1.38
C LYS A 35 -18.24 -3.28 -0.78
N THR A 36 -17.14 -3.70 -1.44
CA THR A 36 -15.89 -3.70 -0.71
C THR A 36 -14.96 -2.66 -1.09
N SER A 37 -13.87 -2.48 -0.30
CA SER A 37 -12.90 -1.44 -0.67
C SER A 37 -12.21 -1.70 -2.03
N HIS A 38 -12.17 -2.94 -2.49
CA HIS A 38 -11.53 -3.17 -3.83
C HIS A 38 -12.27 -2.46 -4.93
N TRP A 39 -13.56 -2.22 -4.72
CA TRP A 39 -14.36 -1.50 -5.68
C TRP A 39 -14.47 -0.01 -5.27
N THR A 40 -14.85 0.30 -4.04
CA THR A 40 -15.07 1.70 -3.72
C THR A 40 -13.80 2.50 -3.48
N TRP A 41 -12.67 1.84 -3.11
CA TRP A 41 -11.46 2.57 -2.69
C TRP A 41 -11.75 3.42 -1.47
N GLU A 42 -12.70 2.97 -0.66
CA GLU A 42 -13.00 3.68 0.60
C GLU A 42 -13.01 2.79 1.77
N LEU A 43 -12.45 3.27 2.88
CA LEU A 43 -12.45 2.59 4.16
C LEU A 43 -12.81 3.60 5.26
N GLU A 44 -13.53 3.17 6.31
CA GLU A 44 -13.65 4.04 7.44
C GLU A 44 -12.45 3.88 8.35
N GLN A 45 -11.91 4.94 8.88
CA GLN A 45 -10.79 4.80 9.80
C GLN A 45 -10.93 5.73 11.00
N LYS A 46 -10.67 5.19 12.19
CA LYS A 46 -10.74 5.86 13.44
C LYS A 46 -9.35 6.44 13.75
N LEU A 47 -9.18 7.75 13.47
CA LEU A 47 -8.02 8.57 13.87
C LEU A 47 -8.05 9.00 15.37
N PRO A 48 -6.94 9.40 15.95
CA PRO A 48 -6.94 9.74 17.38
C PRO A 48 -8.10 10.65 17.82
N ASP A 49 -8.45 11.62 16.96
CA ASP A 49 -9.35 12.72 17.31
C ASP A 49 -10.65 12.78 16.50
N ARG A 50 -10.85 11.86 15.56
CA ARG A 50 -11.99 11.91 14.61
C ARG A 50 -12.09 10.60 13.81
N THR A 51 -13.32 10.23 13.37
CA THR A 51 -13.50 9.14 12.39
C THR A 51 -13.65 9.72 10.96
N VAL A 52 -12.91 9.12 10.02
CA VAL A 52 -12.88 9.66 8.67
C VAL A 52 -13.17 8.57 7.69
N VAL A 53 -13.49 9.00 6.50
CA VAL A 53 -13.53 8.14 5.34
C VAL A 53 -12.20 8.28 4.62
N ARG A 54 -11.37 7.25 4.74
CA ARG A 54 -10.09 7.24 4.10
C ARG A 54 -10.22 6.18 2.97
N GLY A 55 -9.35 5.17 2.90
CA GLY A 55 -9.23 4.33 1.73
C GLY A 55 -8.44 5.12 0.71
N LYS A 56 -8.05 4.46 -0.38
CA LYS A 56 -7.21 5.06 -1.39
C LYS A 56 -7.85 6.34 -2.02
N LYS A 57 -9.17 6.32 -2.20
CA LYS A 57 -9.92 7.40 -2.84
C LYS A 57 -9.64 8.75 -2.16
N ASN A 58 -9.54 8.72 -0.84
CA ASN A 58 -9.36 9.90 -0.04
C ASN A 58 -7.95 10.04 0.58
N SER A 59 -6.94 9.32 0.11
CA SER A 59 -5.70 9.34 0.87
C SER A 59 -4.73 10.27 0.25
N ILE A 60 -3.87 10.81 1.09
CA ILE A 60 -2.70 11.58 0.59
C ILE A 60 -1.42 10.81 0.98
N ASN A 61 -0.52 10.58 0.02
CA ASN A 61 0.76 9.91 0.31
C ASN A 61 1.91 10.74 -0.20
N ASN A 62 3.15 10.32 0.07
CA ASN A 62 4.33 11.07 -0.41
C ASN A 62 5.01 10.42 -1.64
N PHE A 63 4.22 9.65 -2.40
CA PHE A 63 4.69 9.06 -3.67
C PHE A 63 4.03 9.92 -4.74
N CYS A 64 2.97 9.40 -5.37
CA CYS A 64 2.20 10.17 -6.35
C CYS A 64 1.22 11.15 -5.75
N VAL A 65 1.06 11.11 -4.42
CA VAL A 65 0.25 12.11 -3.72
C VAL A 65 -1.24 11.78 -3.65
N ALA A 66 -1.94 11.82 -4.77
CA ALA A 66 -3.36 11.71 -4.71
C ALA A 66 -3.93 11.45 -6.07
N ILE A 67 -4.96 10.62 -6.01
CA ILE A 67 -5.69 10.18 -7.20
C ILE A 67 -6.42 11.23 -8.05
N SER A 68 -7.02 12.26 -7.41
CA SER A 68 -7.88 13.21 -8.14
C SER A 68 -7.12 14.00 -9.16
N SER A 69 -7.75 14.09 -10.35
CA SER A 69 -7.20 14.67 -11.55
C SER A 69 -6.18 13.76 -12.21
N ASN A 70 -5.81 12.65 -11.56
CA ASN A 70 -4.86 11.72 -12.17
C ASN A 70 -5.46 10.36 -12.43
N GLU A 71 -6.79 10.22 -12.27
CA GLU A 71 -7.40 8.92 -12.22
C GLU A 71 -6.97 7.92 -13.34
N PRO A 72 -6.89 8.33 -14.61
CA PRO A 72 -6.56 7.38 -15.71
C PRO A 72 -5.25 6.62 -15.57
N ARG A 73 -4.27 7.24 -14.94
CA ARG A 73 -3.06 6.55 -14.59
C ARG A 73 -3.32 5.67 -13.32
N CYS A 74 -4.14 6.07 -12.37
CA CYS A 74 -4.16 5.30 -11.11
C CYS A 74 -5.08 4.10 -11.13
N THR A 75 -6.16 4.21 -11.89
CA THR A 75 -7.19 3.17 -11.86
C THR A 75 -6.89 1.99 -12.79
N SER A 76 -5.72 1.99 -13.42
CA SER A 76 -5.15 0.75 -13.97
C SER A 76 -4.99 -0.27 -12.88
N CYS A 77 -4.96 0.19 -11.61
CA CYS A 77 -5.00 -0.71 -10.43
C CYS A 77 -6.32 -0.60 -9.64
N HIS A 78 -7.39 -0.23 -10.32
CA HIS A 78 -8.75 -0.39 -9.79
C HIS A 78 -9.42 -1.63 -10.42
N ALA A 79 -10.12 -2.43 -9.61
CA ALA A 79 -10.83 -3.61 -10.10
C ALA A 79 -12.12 -3.20 -10.87
N GLY A 80 -11.97 -2.21 -11.75
CA GLY A 80 -13.03 -1.60 -12.51
C GLY A 80 -12.60 -1.17 -13.90
N TYR A 81 -13.58 -0.74 -14.72
CA TYR A 81 -13.25 -0.22 -16.05
C TYR A 81 -13.81 1.22 -16.24
N GLY A 82 -12.97 2.24 -16.49
CA GLY A 82 -13.51 3.59 -16.82
C GLY A 82 -13.45 4.66 -15.74
N TRP A 83 -12.97 4.35 -14.53
CA TRP A 83 -12.90 5.38 -13.48
C TRP A 83 -11.78 6.37 -13.91
N LYS A 84 -12.19 7.46 -14.53
CA LYS A 84 -11.26 8.46 -15.11
C LYS A 84 -11.44 9.83 -14.45
N ASP A 85 -12.52 10.04 -13.70
CA ASP A 85 -12.60 11.24 -12.94
C ASP A 85 -13.66 11.02 -11.92
N ASN A 86 -14.14 12.13 -11.41
CA ASN A 86 -15.18 12.09 -10.41
C ASN A 86 -16.63 11.74 -10.82
N THR A 87 -16.92 11.54 -12.10
CA THR A 87 -18.28 11.18 -12.51
C THR A 87 -18.53 9.63 -12.51
N PHE A 88 -17.54 8.81 -12.10
CA PHE A 88 -17.59 7.35 -12.21
C PHE A 88 -18.80 6.85 -11.53
N ASP A 89 -19.52 5.99 -12.21
CA ASP A 89 -20.72 5.42 -11.67
C ASP A 89 -20.42 4.15 -10.80
N PHE A 90 -20.25 4.28 -9.51
CA PHE A 90 -19.98 3.16 -8.65
C PHE A 90 -21.10 2.14 -8.52
N LYS A 91 -22.24 2.32 -9.21
CA LYS A 91 -23.38 1.41 -9.07
C LYS A 91 -23.57 0.61 -10.33
N ASP A 92 -22.75 0.91 -11.30
CA ASP A 92 -22.81 0.16 -12.53
C ASP A 92 -22.05 -1.20 -12.51
N LYS A 93 -22.83 -2.27 -12.43
CA LYS A 93 -22.28 -3.64 -12.37
C LYS A 93 -21.48 -4.03 -13.59
N THR A 94 -21.82 -3.53 -14.77
CA THR A 94 -21.00 -3.91 -15.94
C THR A 94 -19.58 -3.31 -15.96
N LYS A 95 -19.28 -2.44 -15.02
CA LYS A 95 -17.93 -1.85 -14.92
C LYS A 95 -16.97 -2.55 -13.95
N VAL A 96 -17.35 -3.69 -13.40
CA VAL A 96 -16.43 -4.39 -12.49
C VAL A 96 -15.45 -5.11 -13.33
N ASP A 97 -14.19 -5.22 -12.89
CA ASP A 97 -13.23 -6.02 -13.61
C ASP A 97 -13.16 -7.40 -12.94
N CYS A 98 -13.75 -8.39 -13.59
CA CYS A 98 -13.79 -9.78 -13.11
C CYS A 98 -12.61 -10.52 -13.52
N LEU A 99 -11.90 -10.05 -14.52
CA LEU A 99 -10.73 -10.77 -15.04
C LEU A 99 -9.41 -10.55 -14.31
N ILE A 100 -9.24 -9.37 -13.71
CA ILE A 100 -7.96 -9.09 -13.12
C ILE A 100 -7.63 -10.10 -11.97
N CYS A 101 -8.61 -10.53 -11.19
CA CYS A 101 -8.29 -11.51 -10.14
C CYS A 101 -8.40 -12.94 -10.57
N HIS A 102 -9.11 -13.18 -11.64
CA HIS A 102 -9.52 -14.55 -12.02
C HIS A 102 -8.88 -15.08 -13.30
N ASP A 103 -8.14 -14.22 -14.02
CA ASP A 103 -7.39 -14.69 -15.19
C ASP A 103 -6.30 -15.76 -14.89
N THR A 104 -6.32 -16.92 -15.57
CA THR A 104 -5.31 -17.91 -15.31
C THR A 104 -4.29 -17.96 -16.45
N THR A 105 -4.44 -17.13 -17.48
CA THR A 105 -3.55 -17.34 -18.62
C THR A 105 -2.25 -16.56 -18.44
N GLY A 106 -2.25 -15.56 -17.55
CA GLY A 106 -1.10 -14.71 -17.34
C GLY A 106 -1.01 -13.67 -18.39
N THR A 107 -1.99 -13.56 -19.29
CA THR A 107 -1.86 -12.53 -20.31
C THR A 107 -2.72 -11.29 -20.03
N TYR A 108 -3.67 -11.40 -19.08
CA TYR A 108 -4.58 -10.27 -18.87
C TYR A 108 -3.81 -9.12 -18.20
N VAL A 109 -3.86 -7.95 -18.84
CA VAL A 109 -3.10 -6.79 -18.40
C VAL A 109 -3.95 -5.54 -18.67
N LYS A 110 -4.03 -4.66 -17.69
CA LYS A 110 -4.78 -3.37 -17.73
C LYS A 110 -3.77 -2.31 -18.16
N ASP A 111 -4.16 -1.58 -19.18
CA ASP A 111 -3.38 -0.53 -19.75
C ASP A 111 -3.03 0.53 -18.67
N PRO A 112 -1.73 0.74 -18.39
CA PRO A 112 -1.24 1.58 -17.27
C PRO A 112 -1.75 2.98 -17.35
N ALA A 113 -2.11 3.45 -18.56
CA ALA A 113 -2.83 4.70 -18.65
C ALA A 113 -4.30 4.63 -19.03
N GLY A 114 -4.96 3.46 -18.88
CA GLY A 114 -6.31 3.37 -19.47
C GLY A 114 -7.54 3.44 -18.57
N ALA A 115 -7.47 4.08 -17.39
CA ALA A 115 -8.61 4.14 -16.45
C ALA A 115 -9.26 2.76 -16.19
N GLY A 116 -8.47 1.69 -16.22
CA GLY A 116 -8.92 0.35 -15.85
C GLY A 116 -9.10 -0.59 -17.03
N GLU A 117 -9.23 0.00 -18.21
CA GLU A 117 -9.42 -0.71 -19.48
C GLU A 117 -8.26 -1.65 -19.73
N PRO A 118 -8.56 -2.83 -20.30
CA PRO A 118 -7.52 -3.79 -20.63
C PRO A 118 -6.70 -3.24 -21.77
N MET A 119 -5.44 -3.64 -21.89
CA MET A 119 -4.63 -3.41 -23.09
C MET A 119 -5.30 -3.88 -24.36
N ALA A 120 -4.92 -3.20 -25.42
CA ALA A 120 -5.37 -3.47 -26.77
C ALA A 120 -4.71 -4.78 -27.25
N LYS A 121 -5.44 -5.57 -28.04
CA LYS A 121 -4.90 -6.81 -28.64
C LYS A 121 -4.85 -8.00 -27.67
N LEU A 122 -5.64 -7.97 -26.63
CA LEU A 122 -5.76 -9.18 -25.82
C LEU A 122 -6.78 -10.04 -26.51
N ASP A 123 -6.64 -11.35 -26.33
CA ASP A 123 -7.73 -12.23 -26.65
C ASP A 123 -8.73 -12.31 -25.50
N LEU A 124 -9.62 -11.33 -25.39
CA LEU A 124 -10.57 -11.31 -24.30
C LEU A 124 -11.38 -12.60 -24.15
N ALA A 125 -11.91 -13.12 -25.25
CA ALA A 125 -12.72 -14.32 -25.18
C ALA A 125 -11.97 -15.45 -24.50
N LYS A 126 -10.74 -15.64 -24.93
CA LYS A 126 -9.84 -16.68 -24.42
C LYS A 126 -9.51 -16.51 -22.94
N ILE A 127 -9.21 -15.28 -22.54
CA ILE A 127 -9.05 -14.98 -21.12
C ILE A 127 -10.32 -15.36 -20.35
N ALA A 128 -11.48 -14.89 -20.81
CA ALA A 128 -12.76 -15.16 -20.12
C ALA A 128 -13.03 -16.65 -19.98
N GLN A 129 -12.73 -17.46 -21.00
CA GLN A 129 -12.99 -18.89 -20.96
C GLN A 129 -12.13 -19.60 -19.95
N ASN A 130 -10.92 -19.06 -19.73
CA ASN A 130 -10.00 -19.73 -18.84
C ASN A 130 -9.94 -19.29 -17.37
N VAL A 131 -10.89 -18.44 -16.99
CA VAL A 131 -10.96 -17.78 -15.69
C VAL A 131 -11.02 -18.87 -14.61
N GLY A 132 -10.44 -18.62 -13.44
CA GLY A 132 -10.53 -19.55 -12.34
C GLY A 132 -10.06 -18.90 -11.02
N ALA A 133 -9.55 -19.73 -10.10
CA ALA A 133 -9.26 -19.23 -8.77
C ALA A 133 -8.02 -18.36 -8.89
N PRO A 134 -8.02 -17.21 -8.20
CA PRO A 134 -6.84 -16.31 -8.18
C PRO A 134 -5.62 -17.07 -7.60
N VAL A 135 -4.44 -16.75 -8.16
CA VAL A 135 -3.14 -17.12 -7.53
C VAL A 135 -2.37 -15.88 -7.18
N ARG A 136 -1.20 -16.04 -6.54
CA ARG A 136 -0.44 -14.83 -6.15
C ARG A 136 -0.31 -13.80 -7.27
N ASP A 137 -0.10 -14.30 -8.49
CA ASP A 137 0.14 -13.36 -9.60
C ASP A 137 -1.09 -12.50 -9.95
N ASN A 138 -2.30 -12.96 -9.62
CA ASN A 138 -3.45 -12.13 -9.90
C ASN A 138 -3.46 -10.94 -8.92
N CYS A 139 -3.32 -11.20 -7.62
CA CYS A 139 -3.32 -10.13 -6.62
C CYS A 139 -2.21 -9.19 -6.97
N GLY A 140 -1.05 -9.74 -7.36
CA GLY A 140 0.16 -9.02 -7.68
C GLY A 140 0.11 -8.10 -8.88
N SER A 141 -0.85 -8.29 -9.79
CA SER A 141 -1.04 -7.33 -10.87
C SER A 141 -1.21 -5.89 -10.34
N CYS A 142 -1.69 -5.75 -9.11
CA CYS A 142 -1.80 -4.43 -8.48
C CYS A 142 -0.93 -4.33 -7.28
N HIS A 143 -0.80 -5.42 -6.49
CA HIS A 143 0.02 -5.41 -5.25
C HIS A 143 1.58 -5.49 -5.28
N PHE A 144 2.17 -5.90 -6.41
CA PHE A 144 3.62 -5.92 -6.61
C PHE A 144 4.23 -4.69 -7.28
N TYR A 145 3.42 -3.82 -7.88
CA TYR A 145 3.97 -2.55 -8.46
C TYR A 145 3.35 -1.22 -7.83
N GLY A 146 3.68 -0.04 -8.43
CA GLY A 146 3.17 1.26 -7.97
C GLY A 146 2.73 2.16 -9.14
N LYS A 153 6.64 -0.44 -3.42
CA LYS A 153 6.11 0.65 -2.64
C LYS A 153 5.97 0.32 -1.10
N HIS A 154 5.12 -0.66 -0.78
CA HIS A 154 5.44 -1.62 0.30
C HIS A 154 6.60 -2.46 -0.28
N GLY A 155 7.72 -2.45 0.40
CA GLY A 155 8.82 -3.25 -0.07
C GLY A 155 8.73 -4.70 0.36
N ASP A 156 7.64 -5.12 1.00
CA ASP A 156 7.44 -6.54 1.37
C ASP A 156 6.69 -7.44 0.36
N LEU A 157 6.24 -6.88 -0.74
CA LEU A 157 5.55 -7.71 -1.75
C LEU A 157 6.19 -7.31 -3.08
N ASP A 158 7.00 -8.19 -3.63
CA ASP A 158 7.76 -7.88 -4.83
C ASP A 158 7.32 -8.78 -6.03
N SER A 159 7.79 -8.47 -7.24
CA SER A 159 7.44 -9.24 -8.44
C SER A 159 7.82 -10.70 -8.31
N SER A 160 8.79 -11.00 -7.48
CA SER A 160 9.20 -12.37 -7.29
C SER A 160 8.23 -13.15 -6.37
N MET A 161 7.26 -12.49 -5.72
CA MET A 161 6.28 -13.16 -4.88
C MET A 161 5.34 -13.91 -5.79
N ALA A 162 5.46 -13.74 -7.11
CA ALA A 162 4.72 -14.63 -8.00
C ALA A 162 5.05 -16.14 -7.81
N TYR A 163 6.33 -16.46 -7.66
CA TYR A 163 6.79 -17.85 -7.40
C TYR A 163 8.05 -17.71 -6.57
N PRO A 164 7.94 -17.34 -5.29
CA PRO A 164 9.16 -16.96 -4.56
C PRO A 164 9.83 -18.21 -3.99
N ASP A 165 11.05 -18.08 -3.51
CA ASP A 165 11.73 -19.14 -2.84
C ASP A 165 11.59 -19.00 -1.33
N LYS A 166 12.01 -20.02 -0.61
CA LYS A 166 11.96 -20.07 0.84
C LYS A 166 12.68 -18.89 1.45
N ALA A 167 13.86 -18.57 0.93
CA ALA A 167 14.64 -17.43 1.38
C ALA A 167 13.86 -16.08 1.35
N THR A 168 12.95 -15.91 0.40
CA THR A 168 12.15 -14.72 0.27
C THR A 168 10.87 -14.73 1.19
N ASP A 169 10.13 -15.81 1.19
CA ASP A 169 8.95 -15.90 2.02
C ASP A 169 8.70 -17.38 2.29
N VAL A 170 8.75 -17.75 3.54
CA VAL A 170 8.47 -19.14 3.89
C VAL A 170 7.03 -19.63 3.63
N HIS A 171 6.03 -18.74 3.67
CA HIS A 171 4.64 -19.16 3.53
C HIS A 171 4.29 -19.27 2.07
N MET A 172 4.75 -18.32 1.26
CA MET A 172 4.47 -18.34 -0.18
C MET A 172 5.41 -19.16 -1.11
N ASP A 173 6.59 -19.46 -0.60
CA ASP A 173 7.60 -20.37 -1.17
C ASP A 173 7.00 -21.44 -2.10
N SER A 174 7.18 -21.26 -3.41
CA SER A 174 6.39 -22.07 -4.33
C SER A 174 6.86 -23.53 -4.31
N ASP A 175 8.07 -23.80 -3.84
CA ASP A 175 8.56 -25.16 -3.69
C ASP A 175 8.24 -25.78 -2.35
N GLY A 176 7.71 -24.96 -1.42
CA GLY A 176 7.37 -25.44 -0.10
C GLY A 176 5.91 -25.25 0.25
N ASN A 177 5.66 -24.43 1.25
CA ASN A 177 4.26 -24.23 1.65
C ASN A 177 3.40 -23.67 0.50
N ASN A 178 3.98 -22.88 -0.42
CA ASN A 178 3.28 -22.49 -1.61
C ASN A 178 1.90 -21.83 -1.35
N PHE A 179 1.81 -21.01 -0.31
CA PHE A 179 0.50 -20.41 -0.04
C PHE A 179 0.10 -19.45 -1.16
N GLN A 180 -1.18 -19.43 -1.53
CA GLN A 180 -1.72 -18.29 -2.32
C GLN A 180 -2.11 -17.23 -1.32
N CYS A 181 -2.39 -15.98 -1.75
CA CYS A 181 -2.64 -14.91 -0.82
C CYS A 181 -3.85 -15.19 0.04
N GLN A 182 -4.93 -15.73 -0.59
CA GLN A 182 -6.16 -16.05 0.13
C GLN A 182 -6.01 -17.23 1.08
N ASN A 183 -4.93 -18.01 1.03
CA ASN A 183 -4.73 -19.00 2.10
C ASN A 183 -4.65 -18.26 3.46
N CYS A 184 -4.09 -17.04 3.49
CA CYS A 184 -4.23 -16.28 4.72
C CYS A 184 -5.38 -15.25 4.69
N HIS A 185 -5.55 -14.61 3.53
CA HIS A 185 -6.52 -13.57 3.32
C HIS A 185 -7.83 -14.25 2.94
N THR A 186 -8.40 -15.01 3.87
CA THR A 186 -9.59 -15.77 3.51
C THR A 186 -10.69 -14.82 3.09
N THR A 187 -11.37 -15.25 2.05
CA THR A 187 -12.34 -14.44 1.37
C THR A 187 -13.71 -15.11 1.42
N GLU A 188 -14.70 -14.34 1.86
CA GLU A 188 -16.10 -14.77 1.90
C GLU A 188 -16.92 -13.75 1.15
N LYS A 189 -17.70 -14.18 0.17
CA LYS A 189 -18.54 -13.19 -0.54
C LYS A 189 -17.68 -12.00 -1.06
N HIS A 190 -16.51 -12.32 -1.58
CA HIS A 190 -15.61 -11.33 -2.11
C HIS A 190 -15.21 -10.29 -1.14
N GLN A 191 -15.48 -10.50 0.16
CA GLN A 191 -14.74 -9.71 1.21
C GLN A 191 -13.43 -10.42 1.58
N ILE A 192 -12.35 -9.86 1.09
CA ILE A 192 -11.03 -10.36 1.32
C ILE A 192 -10.60 -9.85 2.65
N SER A 193 -10.29 -10.78 3.56
CA SER A 193 -10.02 -10.37 4.89
C SER A 193 -8.59 -9.81 5.03
N GLY A 194 -8.27 -9.26 6.17
CA GLY A 194 -7.02 -8.50 6.33
C GLY A 194 -7.12 -6.99 6.64
N ASN A 195 -6.56 -6.62 7.78
CA ASN A 195 -6.61 -5.19 8.21
C ASN A 195 -5.49 -4.40 7.55
N ALA A 196 -5.85 -3.30 6.87
CA ALA A 196 -4.84 -2.29 6.53
C ALA A 196 -4.43 -1.60 7.83
N MET A 197 -3.27 -0.96 7.86
CA MET A 197 -2.86 -0.19 9.05
C MET A 197 -3.95 0.79 9.48
N GLY A 198 -4.20 0.84 10.79
CA GLY A 198 -5.12 1.76 11.39
C GLY A 198 -6.58 1.34 11.32
N VAL A 199 -6.86 0.19 10.74
CA VAL A 199 -8.19 -0.44 10.84
C VAL A 199 -8.22 -1.62 11.87
N SER A 200 -9.33 -1.78 12.61
CA SER A 200 -9.42 -2.73 13.77
C SER A 200 -10.61 -3.76 13.62
N PRO A 201 -11.39 -4.20 14.65
CA PRO A 201 -11.73 -3.55 15.96
C PRO A 201 -10.86 -3.70 17.28
N GLY A 202 -11.19 -4.76 18.04
CA GLY A 202 -10.30 -5.35 19.06
C GLY A 202 -9.60 -6.63 18.54
N GLY A 203 -9.08 -6.55 17.32
CA GLY A 203 -8.08 -7.48 16.83
C GLY A 203 -7.17 -6.61 15.95
N ILE A 204 -5.93 -6.32 16.42
CA ILE A 204 -4.92 -5.53 15.65
C ILE A 204 -4.70 -6.17 14.29
N ASP A 205 -4.61 -7.51 14.33
CA ASP A 205 -4.48 -8.32 13.13
C ASP A 205 -5.65 -9.27 13.08
N HIS A 206 -6.57 -9.06 12.13
CA HIS A 206 -7.53 -10.09 11.77
C HIS A 206 -6.93 -11.45 11.32
N ILE A 207 -6.02 -11.47 10.37
CA ILE A 207 -5.21 -12.64 10.14
C ILE A 207 -4.07 -12.28 11.01
N GLY A 208 -3.41 -13.12 11.74
CA GLY A 208 -2.18 -12.44 12.19
C GLY A 208 -1.26 -13.61 12.06
N CYS A 209 -0.70 -14.06 13.15
CA CYS A 209 0.18 -15.22 13.07
C CYS A 209 -0.36 -16.30 13.98
N GLU A 210 -1.39 -15.98 14.75
CA GLU A 210 -1.81 -16.83 15.86
C GLU A 210 -3.00 -17.75 15.61
N ASN A 211 -3.55 -17.75 14.44
CA ASN A 211 -4.53 -18.81 14.14
C ASN A 211 -3.85 -20.02 13.51
N CYS A 212 -2.59 -19.90 12.95
CA CYS A 212 -1.80 -21.08 12.51
C CYS A 212 -0.61 -21.37 13.40
N HIS A 213 -0.16 -20.42 14.19
CA HIS A 213 0.87 -20.74 15.17
C HIS A 213 0.39 -20.52 16.59
N ASP A 214 0.86 -21.35 17.50
CA ASP A 214 0.65 -21.13 18.92
C ASP A 214 1.18 -19.74 19.36
N SER A 215 0.50 -19.04 20.27
CA SER A 215 1.05 -17.76 20.67
C SER A 215 2.39 -17.86 21.45
N ALA A 216 2.73 -19.09 21.87
CA ALA A 216 3.98 -19.39 22.52
C ALA A 216 4.73 -20.53 21.73
N PRO A 217 5.15 -20.22 20.49
CA PRO A 217 5.59 -21.20 19.51
C PRO A 217 7.04 -21.70 19.75
N HIS A 218 7.79 -21.10 20.69
CA HIS A 218 9.24 -21.39 20.94
C HIS A 218 9.48 -22.41 22.09
N SER A 219 10.45 -23.30 21.95
CA SER A 219 10.84 -24.13 23.09
C SER A 219 11.54 -23.19 24.07
N ASN A 220 12.25 -22.19 23.56
CA ASN A 220 12.92 -21.28 24.42
C ASN A 220 11.88 -20.32 25.08
N LYS A 221 11.68 -20.48 26.39
CA LYS A 221 10.58 -19.81 27.02
C LYS A 221 10.79 -18.29 27.03
N LYS A 222 12.06 -17.88 26.94
CA LYS A 222 12.34 -16.46 27.08
C LYS A 222 11.83 -15.80 25.79
N LEU A 223 11.86 -16.53 24.70
CA LEU A 223 11.33 -15.95 23.49
C LEU A 223 9.83 -15.81 23.54
N ASN A 224 9.15 -16.84 24.05
CA ASN A 224 7.74 -16.72 24.37
C ASN A 224 7.45 -15.57 25.32
N THR A 225 8.26 -15.34 26.35
CA THR A 225 7.82 -14.19 27.11
C THR A 225 7.78 -12.80 26.29
N HIS A 226 8.64 -12.68 25.27
CA HIS A 226 8.71 -11.47 24.46
C HIS A 226 7.46 -11.21 23.67
N THR A 227 6.67 -12.24 23.40
CA THR A 227 5.59 -12.00 22.48
C THR A 227 4.51 -11.15 23.06
N ALA A 228 4.44 -10.92 24.39
CA ALA A 228 3.42 -9.99 24.89
C ALA A 228 3.79 -8.53 24.49
N THR A 229 5.03 -8.32 24.00
CA THR A 229 5.50 -6.95 23.79
C THR A 229 5.98 -6.71 22.35
N VAL A 230 6.51 -7.74 21.80
CA VAL A 230 7.16 -7.70 20.50
C VAL A 230 6.28 -8.55 19.54
N ALA A 231 5.84 -7.91 18.47
CA ALA A 231 5.01 -8.57 17.44
C ALA A 231 5.78 -9.64 16.77
N CYS A 232 5.12 -10.74 16.39
CA CYS A 232 5.84 -11.80 15.68
C CYS A 232 6.61 -11.24 14.51
N GLN A 233 5.94 -10.36 13.77
CA GLN A 233 6.50 -9.77 12.54
C GLN A 233 7.84 -9.10 12.82
N THR A 234 8.02 -8.48 13.98
CA THR A 234 9.32 -7.86 14.28
C THR A 234 10.53 -8.78 14.20
N CYS A 235 10.49 -9.91 14.91
CA CYS A 235 11.61 -10.85 14.86
C CYS A 235 11.74 -11.64 13.53
N HIS A 236 10.61 -11.89 12.89
CA HIS A 236 10.52 -12.85 11.79
C HIS A 236 10.51 -12.22 10.43
N ILE A 237 10.46 -10.89 10.37
CA ILE A 237 10.78 -10.21 9.11
C ILE A 237 11.97 -9.26 9.29
N PRO A 238 13.21 -9.78 9.37
CA PRO A 238 14.41 -8.94 9.63
C PRO A 238 14.72 -8.04 8.45
N PHE A 239 14.22 -8.36 7.25
CA PHE A 239 14.48 -7.53 6.05
C PHE A 239 13.28 -7.56 5.09
N PHE A 240 13.06 -6.42 4.43
CA PHE A 240 12.22 -6.37 3.26
C PHE A 240 13.01 -5.85 2.02
N ALA A 241 12.34 -5.74 0.87
CA ALA A 241 13.02 -5.45 -0.40
C ALA A 241 14.25 -6.38 -0.52
N LYS A 242 14.04 -7.64 -0.26
CA LYS A 242 15.12 -8.60 -0.27
C LYS A 242 15.72 -8.78 -1.64
N ASN A 243 14.92 -8.67 -2.71
CA ASN A 243 15.36 -9.13 -4.04
C ASN A 243 15.58 -7.99 -5.05
N GLU A 244 15.04 -6.82 -4.72
CA GLU A 244 14.86 -5.71 -5.65
C GLU A 244 14.79 -4.38 -4.78
N PRO A 245 15.45 -3.29 -5.22
CA PRO A 245 15.44 -1.99 -4.52
C PRO A 245 14.02 -1.44 -4.40
N THR A 246 13.70 -0.76 -3.28
CA THR A 246 12.49 0.03 -3.11
C THR A 246 12.89 1.44 -2.95
N LYS A 247 11.92 2.31 -3.22
CA LYS A 247 12.16 3.73 -3.05
C LYS A 247 12.07 4.08 -1.56
N MET A 248 13.08 4.75 -1.06
CA MET A 248 13.11 5.19 0.32
C MET A 248 12.86 6.70 0.45
N GLN A 249 13.20 7.46 -0.57
CA GLN A 249 12.95 8.95 -0.54
C GLN A 249 12.52 9.42 -1.89
N TRP A 250 11.61 10.39 -1.90
CA TRP A 250 11.11 11.05 -3.11
C TRP A 250 11.00 12.57 -2.77
N ASP A 251 11.99 13.32 -3.29
CA ASP A 251 12.03 14.75 -3.24
C ASP A 251 11.52 15.36 -4.54
N TRP A 252 10.28 15.81 -4.48
CA TRP A 252 9.59 16.45 -5.63
C TRP A 252 10.13 17.89 -5.89
N SER A 253 10.80 18.50 -4.92
CA SER A 253 11.20 19.91 -5.02
C SER A 253 12.17 20.18 -6.14
N THR A 254 13.03 19.21 -6.41
CA THR A 254 13.97 19.29 -7.49
C THR A 254 13.41 18.95 -8.89
N ALA A 255 12.14 18.60 -9.01
CA ALA A 255 11.60 18.22 -10.35
C ALA A 255 11.71 19.42 -11.30
N GLY A 256 11.77 19.17 -12.60
CA GLY A 256 11.59 20.22 -13.58
C GLY A 256 12.83 20.83 -14.22
N ASP A 257 14.01 20.33 -13.84
CA ASP A 257 15.28 20.78 -14.42
C ASP A 257 15.79 19.85 -15.51
N ASP A 258 16.66 20.36 -16.39
CA ASP A 258 17.23 19.56 -17.50
C ASP A 258 18.66 19.05 -17.22
N LYS A 259 18.99 18.92 -15.97
CA LYS A 259 20.19 18.25 -15.55
C LYS A 259 20.07 16.73 -15.81
N PRO A 260 21.21 16.05 -15.89
CA PRO A 260 21.22 14.61 -16.24
C PRO A 260 20.39 13.74 -15.29
N GLU A 261 19.66 12.79 -15.88
CA GLU A 261 18.81 11.87 -15.12
C GLU A 261 19.60 10.63 -14.69
N THR A 262 20.47 10.86 -13.71
CA THR A 262 21.45 9.95 -13.12
C THR A 262 20.89 8.61 -12.59
N VAL A 263 21.77 7.61 -12.43
CA VAL A 263 21.34 6.26 -12.05
C VAL A 263 22.14 5.71 -10.85
N ASP A 264 21.47 4.82 -10.12
CA ASP A 264 21.89 3.98 -8.98
C ASP A 264 22.97 2.97 -9.35
N GLN A 265 23.64 2.40 -8.34
CA GLN A 265 24.20 1.01 -8.43
C GLN A 265 23.31 -0.06 -9.16
N TYR A 266 22.01 0.09 -9.07
CA TYR A 266 21.11 -0.91 -9.55
C TYR A 266 20.35 -0.50 -10.80
N GLY A 267 20.80 0.55 -11.48
CA GLY A 267 20.11 1.04 -12.69
C GLY A 267 18.80 1.77 -12.45
N LYS A 268 18.49 2.08 -11.18
CA LYS A 268 17.34 2.98 -10.85
C LYS A 268 17.72 4.45 -10.91
N HIS A 269 16.77 5.26 -11.37
CA HIS A 269 16.97 6.68 -11.48
C HIS A 269 17.10 7.32 -10.13
N THR A 270 18.12 8.14 -9.93
CA THR A 270 18.16 8.94 -8.73
C THR A 270 17.59 10.35 -8.99
N TYR A 271 17.53 10.73 -10.26
CA TYR A 271 16.93 12.01 -10.66
C TYR A 271 16.04 11.79 -11.92
N GLN A 272 14.83 12.36 -11.92
CA GLN A 272 14.08 12.46 -13.16
C GLN A 272 13.42 13.79 -13.18
N LYS A 273 13.41 14.40 -14.36
CA LYS A 273 12.90 15.75 -14.52
C LYS A 273 11.47 15.76 -14.07
N LYS A 274 10.73 14.73 -14.46
CA LYS A 274 9.27 14.67 -14.18
C LYS A 274 8.92 14.45 -12.70
N LYS A 275 9.84 13.91 -11.92
CA LYS A 275 9.51 13.56 -10.54
C LYS A 275 10.41 14.06 -9.41
N GLY A 276 11.67 14.37 -9.63
CA GLY A 276 12.54 14.91 -8.57
C GLY A 276 13.63 13.89 -8.23
N ASN A 277 14.17 13.89 -7.00
CA ASN A 277 15.24 12.96 -6.64
C ASN A 277 14.72 11.80 -5.86
N PHE A 278 15.34 10.62 -6.08
CA PHE A 278 15.06 9.38 -5.37
C PHE A 278 16.28 8.78 -4.65
N VAL A 279 16.02 8.04 -3.57
CA VAL A 279 17.01 7.16 -2.96
C VAL A 279 16.33 5.76 -2.91
N TRP A 280 17.04 4.76 -3.38
CA TRP A 280 16.60 3.44 -3.40
C TRP A 280 17.43 2.66 -2.47
N GLU A 281 16.86 1.58 -1.93
CA GLU A 281 17.60 0.66 -1.02
C GLU A 281 17.11 -0.75 -1.22
N LYS A 282 18.05 -1.71 -1.12
CA LYS A 282 17.70 -3.10 -1.21
C LYS A 282 18.09 -3.77 0.15
N MET A 283 17.40 -4.82 0.56
CA MET A 283 17.72 -5.54 1.77
C MET A 283 17.59 -4.62 3.02
N VAL A 284 16.33 -4.14 3.25
CA VAL A 284 16.09 -3.02 4.13
C VAL A 284 15.60 -3.47 5.50
N LYS A 285 16.25 -2.97 6.54
CA LYS A 285 15.72 -3.17 7.85
C LYS A 285 14.55 -2.27 8.03
N PRO A 286 13.52 -2.84 8.64
CA PRO A 286 12.37 -2.04 9.06
C PRO A 286 12.76 -1.06 10.18
N GLN A 287 11.99 0.01 10.32
CA GLN A 287 11.89 0.79 11.58
C GLN A 287 10.86 0.22 12.53
N TYR A 288 11.08 0.35 13.83
CA TYR A 288 10.17 -0.31 14.77
C TYR A 288 9.32 0.70 15.50
N ALA A 289 8.08 0.40 15.76
CA ALA A 289 7.30 1.38 16.50
C ALA A 289 6.21 0.70 17.29
N TRP A 290 5.89 1.23 18.47
CA TRP A 290 4.65 0.88 19.14
C TRP A 290 3.46 0.98 18.22
N TYR A 291 2.63 -0.06 18.24
CA TYR A 291 1.42 -0.02 17.44
C TYR A 291 0.33 -0.72 18.18
N ASN A 292 -0.80 -0.02 18.34
CA ASN A 292 -1.99 -0.61 19.01
C ASN A 292 -3.19 -0.82 18.11
N GLY A 293 -3.01 -0.82 16.79
CA GLY A 293 -4.17 -1.02 15.94
C GLY A 293 -4.71 0.31 15.38
N THR A 294 -4.30 1.45 15.94
CA THR A 294 -4.75 2.70 15.34
C THR A 294 -3.56 3.47 14.78
N ALA A 295 -3.88 4.35 13.82
CA ALA A 295 -2.87 5.09 13.16
C ALA A 295 -3.40 6.55 12.99
N ASN A 296 -2.48 7.47 13.00
CA ASN A 296 -2.85 8.81 12.59
C ASN A 296 -2.69 8.98 11.10
N ALA A 297 -3.50 9.86 10.51
CA ALA A 297 -3.35 10.20 9.09
C ALA A 297 -3.54 11.69 8.79
N TYR A 298 -2.74 12.21 7.86
CA TYR A 298 -2.94 13.51 7.28
C TYR A 298 -4.10 13.43 6.29
N MET A 299 -5.09 14.30 6.42
CA MET A 299 -6.17 14.26 5.47
C MET A 299 -6.27 15.57 4.69
N ALA A 300 -6.93 15.52 3.52
CA ALA A 300 -6.95 16.66 2.65
C ALA A 300 -7.53 17.83 3.37
N GLY A 301 -6.88 18.98 3.24
CA GLY A 301 -7.28 20.16 3.96
C GLY A 301 -6.70 20.38 5.33
N ASP A 302 -6.01 19.41 5.96
CA ASP A 302 -5.47 19.56 7.30
C ASP A 302 -4.39 20.65 7.24
N LYS A 303 -4.30 21.53 8.24
CA LYS A 303 -3.14 22.42 8.27
C LYS A 303 -1.83 21.67 8.55
N MET A 304 -0.71 22.21 8.10
CA MET A 304 0.53 21.55 8.44
C MET A 304 1.54 22.65 8.70
N ASP A 305 2.74 22.26 9.10
CA ASP A 305 3.81 23.18 9.37
C ASP A 305 5.07 22.79 8.59
N SER A 306 5.45 23.65 7.64
CA SER A 306 6.60 23.35 6.82
C SER A 306 7.95 23.49 7.47
N ASN A 307 8.09 24.00 8.68
CA ASN A 307 9.44 23.96 9.26
C ASN A 307 9.74 22.56 9.90
N VAL A 308 8.76 21.68 9.89
CA VAL A 308 8.84 20.38 10.56
C VAL A 308 8.48 19.25 9.54
N VAL A 309 8.88 18.01 9.82
CA VAL A 309 8.52 16.88 8.95
C VAL A 309 7.08 16.56 9.25
N THR A 310 6.22 16.52 8.23
CA THR A 310 4.85 16.08 8.45
C THR A 310 4.67 14.55 8.29
N LYS A 311 4.06 13.91 9.29
CA LYS A 311 3.83 12.46 9.23
C LYS A 311 2.49 12.35 8.54
N LEU A 312 2.55 11.81 7.35
CA LEU A 312 1.37 11.62 6.55
C LEU A 312 0.55 10.42 7.07
N THR A 313 1.25 9.40 7.60
CA THR A 313 0.60 8.41 8.45
C THR A 313 1.56 8.08 9.58
N TYR A 314 1.08 7.47 10.64
CA TYR A 314 1.97 7.14 11.74
C TYR A 314 1.26 6.15 12.67
N PRO A 315 1.92 5.07 13.13
CA PRO A 315 1.28 4.11 14.01
C PRO A 315 1.08 4.73 15.40
N MET A 316 -0.05 4.49 16.04
CA MET A 316 -0.27 4.97 17.44
C MET A 316 0.05 3.85 18.43
N GLY A 317 0.49 4.25 19.62
CA GLY A 317 0.61 3.41 20.84
C GLY A 317 1.91 3.78 21.53
N ASP A 318 2.23 3.21 22.66
CA ASP A 318 3.42 3.59 23.36
C ASP A 318 3.65 2.51 24.40
N ILE A 319 4.78 2.57 25.14
CA ILE A 319 5.18 1.52 26.12
C ILE A 319 4.15 1.25 27.20
N ASN A 320 3.40 2.27 27.62
CA ASN A 320 2.34 2.16 28.61
C ASN A 320 1.06 1.71 27.99
N ASP A 321 1.05 1.43 26.70
CA ASP A 321 -0.20 1.03 26.09
C ASP A 321 -0.31 -0.52 26.03
N ALA A 322 -1.16 -1.06 26.89
CA ALA A 322 -1.29 -2.51 26.99
C ALA A 322 -1.81 -3.07 25.65
N LYS A 323 -2.54 -2.29 24.85
CA LYS A 323 -2.93 -2.82 23.53
C LYS A 323 -1.77 -2.79 22.47
N ALA A 324 -0.66 -2.10 22.73
CA ALA A 324 0.34 -1.83 21.69
C ALA A 324 1.44 -2.91 21.77
N LYS A 325 2.00 -3.34 20.61
CA LYS A 325 3.25 -4.15 20.59
C LYS A 325 4.25 -3.47 19.66
N ILE A 326 5.53 -3.86 19.74
CA ILE A 326 6.48 -3.27 18.83
C ILE A 326 6.40 -4.00 17.49
N TYR A 327 6.09 -3.24 16.41
CA TYR A 327 5.89 -3.82 15.07
C TYR A 327 6.89 -3.18 14.12
N PRO A 328 7.12 -3.82 12.96
CA PRO A 328 8.04 -3.32 11.95
C PRO A 328 7.32 -2.59 10.83
N PHE A 329 8.01 -1.59 10.32
CA PHE A 329 7.42 -0.70 9.39
C PHE A 329 8.40 -0.28 8.29
N LYS A 330 7.86 -0.06 7.12
CA LYS A 330 8.59 0.63 6.10
C LYS A 330 8.23 2.12 6.14
N VAL A 331 9.26 2.95 6.06
CA VAL A 331 9.06 4.39 6.23
C VAL A 331 9.62 5.10 4.99
N HIS A 332 8.80 5.84 4.30
CA HIS A 332 9.26 6.51 3.08
C HIS A 332 9.30 8.05 3.39
N THR A 333 10.39 8.76 3.04
CA THR A 333 10.44 10.19 3.29
C THR A 333 10.49 10.96 1.98
N GLY A 334 10.23 12.25 2.04
CA GLY A 334 10.17 13.01 0.81
C GLY A 334 9.92 14.44 1.10
N LYS A 335 9.80 15.20 0.01
CA LYS A 335 9.27 16.57 0.01
C LYS A 335 8.25 16.70 -1.07
N GLN A 336 7.20 17.44 -0.78
CA GLN A 336 6.11 17.57 -1.73
C GLN A 336 5.38 18.90 -1.60
N ILE A 337 4.54 19.17 -2.56
CA ILE A 337 4.03 20.51 -2.77
C ILE A 337 2.89 20.89 -1.84
N TYR A 338 2.99 22.12 -1.28
CA TYR A 338 2.03 22.65 -0.38
C TYR A 338 1.67 24.12 -0.73
N ASP A 339 0.47 24.51 -0.38
CA ASP A 339 0.00 25.89 -0.57
C ASP A 339 0.63 26.81 0.48
N LYS A 340 1.45 27.74 0.02
CA LYS A 340 2.32 28.54 0.91
C LYS A 340 1.50 29.49 1.76
N LYS A 341 0.30 29.82 1.28
CA LYS A 341 -0.62 30.65 2.05
C LYS A 341 -1.59 29.93 2.96
N LEU A 342 -2.21 28.86 2.48
CA LEU A 342 -3.06 28.13 3.38
C LEU A 342 -2.04 27.22 4.04
N ASN A 343 -2.18 26.70 5.19
CA ASN A 343 -0.86 25.89 5.28
C ASN A 343 -1.16 24.40 5.05
N ILE A 344 -1.51 24.00 3.83
CA ILE A 344 -1.98 22.64 3.50
C ILE A 344 -1.28 22.01 2.32
N PHE A 345 -1.19 20.67 2.34
CA PHE A 345 -0.65 19.98 1.16
C PHE A 345 -1.62 20.03 0.01
N ILE A 346 -1.07 20.20 -1.18
CA ILE A 346 -1.82 20.29 -2.41
C ILE A 346 -1.85 18.97 -3.10
N THR A 347 -2.96 18.68 -3.80
CA THR A 347 -3.11 17.48 -4.55
C THR A 347 -3.02 17.92 -5.98
N PRO A 348 -1.87 17.80 -6.61
CA PRO A 348 -1.68 18.42 -7.94
C PRO A 348 -2.02 17.47 -9.06
N LYS A 349 -2.30 18.03 -10.23
CA LYS A 349 -2.46 17.24 -11.40
C LYS A 349 -1.07 16.91 -11.99
N THR A 350 -0.67 15.64 -12.03
CA THR A 350 0.59 15.33 -12.63
C THR A 350 0.34 14.71 -13.96
N TYR A 351 -0.75 13.96 -14.07
CA TYR A 351 -1.05 13.22 -15.28
C TYR A 351 -1.94 14.04 -16.23
N GLY A 352 -1.74 13.88 -17.54
CA GLY A 352 -2.72 14.38 -18.52
C GLY A 352 -2.57 15.88 -18.88
N LYS A 353 -3.57 16.44 -19.55
CA LYS A 353 -3.53 17.82 -20.05
C LYS A 353 -3.40 18.92 -18.95
N GLY A 354 -2.37 19.75 -19.06
CA GLY A 354 -2.10 20.71 -18.00
C GLY A 354 -1.27 20.17 -16.82
N GLY A 355 -1.29 18.85 -16.64
CA GLY A 355 -0.47 18.18 -15.64
C GLY A 355 1.03 18.44 -15.64
N TYR A 356 1.61 18.32 -14.44
CA TYR A 356 3.02 18.63 -14.25
C TYR A 356 3.90 17.91 -15.24
N TRP A 357 3.58 16.62 -15.43
CA TRP A 357 4.38 15.78 -16.34
C TRP A 357 4.37 16.19 -17.83
N SER A 358 3.37 16.98 -18.25
CA SER A 358 3.55 17.62 -19.58
C SER A 358 3.97 19.08 -19.58
N GLU A 359 3.40 19.88 -18.72
CA GLU A 359 3.69 21.30 -18.74
C GLU A 359 4.84 21.77 -17.77
N PHE A 360 5.08 21.07 -16.65
CA PHE A 360 6.24 21.37 -15.79
C PHE A 360 6.07 22.70 -15.12
N ASP A 361 4.81 22.98 -14.85
CA ASP A 361 4.36 24.19 -14.22
C ASP A 361 3.55 23.82 -12.99
N TRP A 362 4.18 23.95 -11.84
CA TRP A 362 3.54 23.60 -10.60
C TRP A 362 2.30 24.43 -10.26
N ASN A 363 2.25 25.70 -10.67
CA ASN A 363 1.08 26.53 -10.33
C ASN A 363 -0.14 26.00 -11.03
N LEU A 364 -0.01 25.75 -12.33
CA LEU A 364 -1.04 25.14 -13.15
C LEU A 364 -1.42 23.74 -12.61
N ALA A 365 -0.42 22.89 -12.32
CA ALA A 365 -0.71 21.57 -11.73
C ALA A 365 -1.48 21.70 -10.40
N ALA A 366 -1.05 22.63 -9.55
CA ALA A 366 -1.78 22.91 -8.30
C ALA A 366 -3.20 23.37 -8.50
N LYS A 367 -3.38 24.32 -9.43
CA LYS A 367 -4.70 24.92 -9.69
C LYS A 367 -5.63 23.83 -10.21
N LEU A 368 -5.17 23.12 -11.21
CA LEU A 368 -5.99 22.06 -11.82
C LEU A 368 -6.27 20.87 -10.87
N GLY A 369 -5.31 20.50 -10.00
CA GLY A 369 -5.48 19.42 -9.04
C GLY A 369 -6.40 19.85 -7.90
N MET A 370 -6.30 21.10 -7.46
CA MET A 370 -7.21 21.58 -6.42
C MET A 370 -8.65 21.80 -6.88
N GLU A 371 -8.83 22.27 -8.12
CA GLU A 371 -10.18 22.41 -8.67
C GLU A 371 -10.79 21.06 -8.99
N ALA A 372 -10.01 20.00 -9.01
CA ALA A 372 -10.62 18.70 -9.28
C ALA A 372 -10.89 17.86 -8.01
N ASN A 373 -10.24 18.23 -6.90
CA ASN A 373 -10.37 17.47 -5.65
C ASN A 373 -11.78 17.64 -5.00
N PRO A 374 -12.56 16.56 -4.86
CA PRO A 374 -13.88 16.67 -4.22
C PRO A 374 -13.80 17.23 -2.80
N THR A 375 -12.87 16.78 -1.97
CA THR A 375 -12.80 17.34 -0.63
C THR A 375 -12.43 18.84 -0.60
N MET A 376 -11.50 19.31 -1.45
CA MET A 376 -11.14 20.72 -1.45
C MET A 376 -12.41 21.56 -1.75
N LEU A 377 -13.16 21.10 -2.76
CA LEU A 377 -14.39 21.72 -3.20
C LEU A 377 -15.43 21.77 -2.10
N GLU A 378 -15.66 20.62 -1.47
CA GLU A 378 -16.51 20.51 -0.29
C GLU A 378 -16.16 21.49 0.79
N LYS A 379 -14.88 21.78 0.97
CA LYS A 379 -14.50 22.72 2.04
C LYS A 379 -14.32 24.20 1.54
N GLY A 380 -14.68 24.47 0.29
CA GLY A 380 -14.48 25.78 -0.32
C GLY A 380 -13.01 26.21 -0.42
N ILE A 381 -12.11 25.23 -0.41
CA ILE A 381 -10.67 25.51 -0.51
C ILE A 381 -10.28 25.88 -1.96
N LYS A 382 -9.62 27.02 -2.11
CA LYS A 382 -9.08 27.42 -3.39
C LYS A 382 -7.56 27.49 -3.29
N TYR A 383 -6.93 27.00 -4.34
CA TYR A 383 -5.50 27.20 -4.49
C TYR A 383 -5.23 28.70 -4.32
N SER A 384 -4.24 29.06 -3.49
CA SER A 384 -4.00 30.49 -3.26
C SER A 384 -3.19 31.15 -4.38
N GLY A 385 -2.50 30.35 -5.19
CA GLY A 385 -1.64 30.90 -6.19
C GLY A 385 -0.17 30.90 -5.79
N GLU A 386 0.15 30.51 -4.57
CA GLU A 386 1.52 30.44 -4.07
C GLU A 386 1.83 29.00 -3.54
N TYR A 387 2.92 28.43 -3.98
CA TYR A 387 3.24 27.11 -3.49
C TYR A 387 4.64 27.12 -2.98
N ASP A 388 4.94 26.06 -2.19
CA ASP A 388 6.31 25.70 -1.80
C ASP A 388 6.43 24.13 -1.64
N PHE A 389 7.56 23.64 -1.14
CA PHE A 389 7.75 22.21 -0.87
C PHE A 389 8.03 21.95 0.63
N ALA A 390 7.38 20.96 1.23
CA ALA A 390 7.65 20.59 2.62
C ALA A 390 7.95 19.12 2.86
N ALA A 391 8.68 18.82 3.92
CA ALA A 391 9.16 17.45 4.22
C ALA A 391 8.11 16.61 4.84
N THR A 392 8.11 15.30 4.49
CA THR A 392 7.11 14.35 5.01
C THR A 392 7.74 13.04 5.29
N GLU A 393 7.04 12.22 6.08
CA GLU A 393 7.36 10.82 6.26
C GLU A 393 6.08 10.08 6.26
N MET A 394 6.12 8.82 5.85
CA MET A 394 4.92 7.99 5.81
C MET A 394 5.27 6.54 6.22
N TRP A 395 4.39 5.90 6.98
CA TRP A 395 4.61 4.59 7.65
C TRP A 395 3.72 3.55 7.04
N TRP A 396 4.27 2.40 6.67
CA TRP A 396 3.47 1.27 6.20
C TRP A 396 3.96 0.07 6.95
N ARG A 397 3.01 -0.78 7.33
CA ARG A 397 3.29 -2.01 8.06
C ARG A 397 4.02 -2.99 7.17
N ILE A 398 4.88 -3.78 7.79
CA ILE A 398 5.54 -4.85 7.09
C ILE A 398 4.95 -6.17 7.62
N ASN A 399 4.40 -7.02 6.74
CA ASN A 399 3.77 -8.26 7.13
C ASN A 399 4.18 -9.49 6.36
N HIS A 400 4.83 -9.32 5.23
CA HIS A 400 5.20 -10.42 4.31
C HIS A 400 6.72 -10.63 4.30
N MET A 401 7.22 -11.65 3.56
CA MET A 401 8.62 -12.02 3.57
C MET A 401 9.08 -12.58 4.93
N VAL A 402 8.20 -13.30 5.60
CA VAL A 402 8.69 -13.93 6.81
C VAL A 402 9.90 -14.83 6.38
N SER A 403 11.04 -14.68 7.06
CA SER A 403 12.27 -15.42 6.71
C SER A 403 12.27 -16.78 7.42
N PRO A 404 13.11 -17.75 6.98
CA PRO A 404 13.26 -19.00 7.77
C PRO A 404 13.65 -18.70 9.18
N LYS A 405 13.38 -19.64 10.08
CA LYS A 405 13.57 -19.43 11.51
C LYS A 405 15.03 -19.09 11.87
N GLU A 406 15.97 -19.57 11.06
CA GLU A 406 17.42 -19.34 11.31
C GLU A 406 17.83 -17.85 11.13
N GLN A 407 17.00 -17.07 10.43
CA GLN A 407 17.28 -15.65 10.26
C GLN A 407 16.35 -14.71 11.05
N ALA A 408 15.59 -15.22 12.00
CA ALA A 408 14.82 -14.37 12.92
C ALA A 408 15.78 -13.56 13.74
N LEU A 409 15.37 -12.33 14.11
CA LEU A 409 16.18 -11.51 14.99
C LEU A 409 16.47 -12.37 16.24
N ASN A 410 17.74 -12.50 16.64
CA ASN A 410 18.03 -13.16 17.90
C ASN A 410 18.55 -12.16 18.96
N CYS A 411 18.78 -12.62 20.17
CA CYS A 411 19.04 -11.79 21.34
C CYS A 411 19.98 -10.66 21.03
N ASN A 412 21.06 -10.96 20.31
CA ASN A 412 22.10 -9.95 19.99
C ASN A 412 21.79 -8.97 18.85
N ASP A 413 20.65 -9.19 18.21
CA ASP A 413 20.17 -8.19 17.28
C ASP A 413 19.60 -6.99 17.94
N CYS A 414 19.02 -7.19 19.12
CA CYS A 414 18.45 -6.10 19.92
C CYS A 414 19.23 -5.75 21.15
N HIS A 415 19.77 -6.75 21.90
CA HIS A 415 20.41 -6.51 23.20
C HIS A 415 21.94 -6.42 23.01
N ASN A 416 22.68 -6.08 24.06
CA ASN A 416 24.17 -6.07 23.99
C ASN A 416 24.64 -5.11 22.88
N LYS A 417 25.37 -5.59 21.90
CA LYS A 417 25.81 -4.61 20.90
C LYS A 417 24.74 -4.41 19.82
N GLY A 418 23.60 -5.12 19.91
CA GLY A 418 22.51 -4.96 18.93
C GLY A 418 21.95 -3.55 18.81
N THR A 419 21.59 -3.15 17.59
CA THR A 419 20.99 -1.82 17.37
C THR A 419 19.60 -1.84 16.72
N ARG A 420 19.01 -3.02 16.50
CA ARG A 420 17.68 -3.01 15.87
C ARG A 420 16.71 -1.99 16.53
N LEU A 421 16.70 -1.87 17.86
CA LEU A 421 15.58 -1.11 18.48
C LEU A 421 16.16 0.18 19.07
N ASP A 422 15.45 1.28 18.93
CA ASP A 422 16.02 2.47 19.49
C ASP A 422 15.38 2.56 20.84
N TRP A 423 16.07 2.01 21.85
CA TRP A 423 15.47 1.92 23.20
C TRP A 423 14.77 3.22 23.71
N GLN A 424 15.47 4.38 23.67
CA GLN A 424 14.87 5.60 24.24
C GLN A 424 13.75 6.12 23.35
N ALA A 425 13.85 5.98 22.04
CA ALA A 425 12.75 6.48 21.19
C ALA A 425 11.55 5.64 21.56
N LEU A 426 11.75 4.36 21.91
CA LEU A 426 10.62 3.46 22.23
C LEU A 426 10.16 3.75 23.68
N GLY A 427 10.83 4.65 24.39
CA GLY A 427 10.43 4.89 25.78
C GLY A 427 11.03 4.02 26.91
N TYR A 428 12.02 3.19 26.57
CA TYR A 428 12.79 2.44 27.55
C TYR A 428 13.89 3.33 28.11
N GLN A 429 14.25 3.07 29.34
CA GLN A 429 15.48 3.57 29.96
C GLN A 429 16.70 2.65 29.72
N GLY A 430 17.33 2.75 28.54
CA GLY A 430 18.34 1.81 28.11
C GLY A 430 17.83 0.39 27.83
N ASP A 431 18.73 -0.41 27.30
CA ASP A 431 18.54 -1.80 26.99
C ASP A 431 17.96 -2.51 28.22
N PRO A 432 16.73 -3.05 28.14
CA PRO A 432 16.05 -3.70 29.27
C PRO A 432 16.81 -4.86 29.89
N MET A 433 17.74 -5.46 29.15
CA MET A 433 18.59 -6.51 29.68
C MET A 433 19.73 -5.98 30.57
N LYS A 434 20.25 -4.78 30.28
CA LYS A 434 21.33 -4.15 31.07
C LYS A 434 20.71 -3.51 32.30
N ASN A 435 19.38 -3.34 32.23
CA ASN A 435 18.74 -2.32 33.03
C ASN A 435 17.35 -2.64 33.47
N LYS A 436 17.25 -3.39 34.55
CA LYS A 436 15.97 -3.92 35.05
C LYS A 436 15.35 -2.97 36.07
N GLN A 437 15.27 -1.70 35.72
CA GLN A 437 14.84 -0.69 36.69
C GLN A 437 13.75 0.26 36.25
N GLY A 438 13.67 0.56 34.95
CA GLY A 438 12.86 1.72 34.59
C GLY A 438 11.64 1.47 33.74
N PRO A 439 11.89 0.88 32.62
CA PRO A 439 10.85 0.77 31.59
C PRO A 439 10.33 -0.62 31.39
N LYS A 440 9.03 -0.85 31.55
CA LYS A 440 8.44 -2.10 31.10
C LYS A 440 7.13 -1.85 30.41
N HIS A 441 6.93 -2.57 29.31
CA HIS A 441 5.63 -2.67 28.67
C HIS A 441 4.45 -3.07 29.60
N LYS A 442 3.38 -2.27 29.59
CA LYS A 442 1.98 -2.76 29.77
C LYS A 442 1.14 -1.58 30.30
S SCN B . 0.40 3.42 -4.94
C SCN B . 1.05 4.95 -5.16
N SCN B . 1.42 6.04 -5.35
FE HEC C . -18.51 -18.45 -13.82
CHA HEC C . -17.68 -20.71 -11.52
CHB HEC C . -16.00 -16.36 -12.78
CHC HEC C . -18.98 -16.41 -16.57
CHD HEC C . -21.45 -20.04 -14.50
NA HEC C . -17.09 -18.49 -12.37
C1A HEC C . -16.87 -19.58 -11.57
C2A HEC C . -15.74 -19.28 -10.75
C3A HEC C . -15.27 -18.08 -11.10
C4A HEC C . -16.12 -17.55 -12.13
CMA HEC C . -14.02 -17.36 -10.53
CAA HEC C . -15.15 -20.25 -9.68
CBA HEC C . -13.99 -20.90 -10.50
CGA HEC C . -13.31 -21.96 -9.73
O1A HEC C . -12.28 -22.49 -10.28
O2A HEC C . -13.79 -22.25 -8.59
NB HEC C . -17.66 -16.70 -14.58
C1B HEC C . -16.64 -16.01 -13.93
C2B HEC C . -16.35 -14.84 -14.74
C3B HEC C . -17.17 -14.87 -15.79
C4B HEC C . -17.99 -16.04 -15.71
CMB HEC C . -15.28 -13.77 -14.40
CAB HEC C . -17.17 -13.91 -16.98
CBB HEC C . -15.96 -13.96 -17.60
NC HEC C . -19.89 -18.29 -15.25
C1C HEC C . -19.94 -17.36 -16.27
C2C HEC C . -21.14 -17.58 -17.03
C3C HEC C . -21.82 -18.58 -16.44
C4C HEC C . -21.05 -19.03 -15.31
CMC HEC C . -21.55 -16.70 -18.27
CAC HEC C . -23.22 -19.20 -16.86
CBC HEC C . -23.57 -19.44 -18.14
ND HEC C . -19.40 -20.13 -13.14
C1D HEC C . -20.63 -20.59 -13.55
C2D HEC C . -20.97 -21.78 -12.76
C3D HEC C . -19.80 -21.98 -11.89
C4D HEC C . -18.88 -20.91 -12.17
CMD HEC C . -22.25 -22.68 -12.80
CAD HEC C . -19.69 -23.08 -10.81
CBD HEC C . -20.49 -22.50 -9.65
CGD HEC C . -20.69 -23.54 -8.53
O1D HEC C . -21.60 -24.44 -8.62
O2D HEC C . -19.91 -23.49 -7.54
FE HEC D . -1.87 3.43 -5.64
CHA HEC D . -2.71 2.64 -2.32
CHB HEC D . -2.08 6.79 -4.88
CHC HEC D . -1.31 4.24 -8.91
CHD HEC D . -1.47 0.15 -6.41
NA HEC D . -2.28 4.57 -3.89
C1A HEC D . -2.62 4.03 -2.64
C2A HEC D . -2.84 5.16 -1.73
C3A HEC D . -2.67 6.32 -2.43
C4A HEC D . -2.32 5.95 -3.82
CMA HEC D . -2.82 7.78 -1.83
CAA HEC D . -3.17 5.03 -0.20
CBA HEC D . -1.93 5.34 0.67
CGA HEC D . -0.70 4.52 0.20
O1A HEC D . 0.19 5.11 -0.48
O2A HEC D . -0.54 3.24 0.41
NB HEC D . -1.72 5.16 -6.73
C1B HEC D . -1.90 6.45 -6.20
C2B HEC D . -1.85 7.42 -7.26
C3B HEC D . -1.59 6.70 -8.39
C4B HEC D . -1.54 5.28 -8.05
CMB HEC D . -1.98 8.96 -7.04
CAB HEC D . -1.43 7.21 -9.84
CBB HEC D . -0.82 8.41 -10.13
NC HEC D . -1.40 2.35 -7.43
C1C HEC D . -1.22 2.90 -8.66
C2C HEC D . -0.93 1.85 -9.59
C3C HEC D . -0.94 0.66 -8.88
C4C HEC D . -1.27 0.99 -7.50
CMC HEC D . -0.67 2.13 -11.11
CAC HEC D . -0.67 -0.80 -9.42
CBC HEC D . 0.47 -1.22 -10.06
ND HEC D . -2.03 1.64 -4.52
C1D HEC D . -1.92 0.41 -5.13
C2D HEC D . -2.35 -0.58 -4.12
C3D HEC D . -2.74 0.18 -2.84
C4D HEC D . -2.52 1.56 -3.18
CMD HEC D . -2.39 -2.09 -4.31
CAD HEC D . -3.21 -0.42 -1.45
CBD HEC D . -1.93 -0.65 -0.63
CGD HEC D . -2.17 -1.44 0.68
O1D HEC D . -1.18 -2.13 1.05
O2D HEC D . -3.23 -1.44 1.43
FE HEC E . -14.07 -13.37 -7.56
CHA HEC E . -14.22 -16.27 -5.73
CHB HEC E . -16.55 -14.64 -9.54
CHC HEC E . -14.21 -10.36 -9.13
CHD HEC E . -11.36 -12.26 -5.89
NA HEC E . -15.16 -15.16 -7.65
C1A HEC E . -15.09 -16.20 -6.77
C2A HEC E . -16.07 -17.24 -7.11
C3A HEC E . -16.75 -16.78 -8.15
C4A HEC E . -16.18 -15.45 -8.49
CMA HEC E . -17.94 -17.51 -8.87
CAA HEC E . -16.30 -18.57 -6.36
CBA HEC E . -16.73 -18.27 -4.88
CGA HEC E . -17.94 -17.35 -4.85
O1A HEC E . -18.89 -17.77 -5.56
O2A HEC E . -17.99 -16.27 -4.13
NB HEC E . -15.14 -12.68 -8.99
C1B HEC E . -16.10 -13.33 -9.69
C2B HEC E . -16.67 -12.37 -10.60
C3B HEC E . -16.04 -11.22 -10.47
C4B HEC E . -15.05 -11.37 -9.47
CMB HEC E . -17.81 -12.70 -11.64
CAB HEC E . -16.34 -9.88 -11.22
CBB HEC E . -17.58 -9.30 -11.25
NC HEC E . -12.96 -11.57 -7.50
C1C HEC E . -13.17 -10.47 -8.26
C2C HEC E . -12.14 -9.49 -7.97
C3C HEC E . -11.33 -10.01 -7.06
C4C HEC E . -11.87 -11.34 -6.73
CMC HEC E . -12.07 -8.11 -8.66
CAC HEC E . -10.01 -9.41 -6.39
CBC HEC E . -9.82 -8.13 -6.02
ND HEC E . -12.99 -14.14 -6.08
C1D HEC E . -11.88 -13.49 -5.53
C2D HEC E . -11.35 -14.30 -4.51
C3D HEC E . -12.29 -15.50 -4.43
C4D HEC E . -13.23 -15.34 -5.46
CMD HEC E . -10.10 -14.03 -3.58
CAD HEC E . -12.17 -16.72 -3.50
CBD HEC E . -11.09 -17.60 -4.12
CGD HEC E . -10.69 -18.83 -3.33
O1D HEC E . -9.60 -19.39 -3.62
O2D HEC E . -11.47 -19.23 -2.43
FE HEC F . -6.00 -5.69 -3.17
CHA HEC F . -6.32 -3.37 -0.73
CHB HEC F . -5.68 -8.09 -0.76
CHC HEC F . -6.27 -8.09 -5.56
CHD HEC F . -5.95 -3.20 -5.51
NA HEC F . -5.99 -5.73 -1.14
C1A HEC F . -6.08 -4.66 -0.34
C2A HEC F . -6.07 -5.07 1.04
C3A HEC F . -5.93 -6.39 1.05
C4A HEC F . -5.86 -6.83 -0.32
CMA HEC F . -5.75 -7.28 2.32
CAA HEC F . -6.12 -4.06 2.28
CBA HEC F . -7.50 -3.90 2.90
CGA HEC F . -8.19 -2.68 2.33
O1A HEC F . -9.45 -2.61 2.36
O2A HEC F . -7.47 -1.72 1.92
NB HEC F . -5.96 -7.73 -3.15
C1B HEC F . -5.83 -8.51 -2.07
C2B HEC F . -5.74 -9.89 -2.49
C3B HEC F . -5.85 -9.91 -3.82
C4B HEC F . -6.04 -8.53 -4.24
CMB HEC F . -5.51 -11.00 -1.43
CAB HEC F . -6.01 -11.12 -4.79
CBB HEC F . -7.03 -12.00 -4.47
NC HEC F . -6.08 -5.68 -5.13
C1C HEC F . -6.20 -6.79 -5.97
C2C HEC F . -6.11 -6.32 -7.33
C3C HEC F . -6.06 -4.99 -7.28
C4C HEC F . -6.03 -4.53 -5.93
CMC HEC F . -6.08 -7.20 -8.61
CAC HEC F . -6.00 -4.13 -8.55
CBC HEC F . -7.05 -4.17 -9.47
ND HEC F . -6.02 -3.63 -3.14
C1D HEC F . -6.03 -2.76 -4.22
C2D HEC F . -6.21 -1.40 -3.80
C3D HEC F . -6.40 -1.48 -2.34
C4D HEC F . -6.26 -2.89 -2.00
CMD HEC F . -6.27 -0.06 -4.60
CAD HEC F . -6.66 -0.31 -1.36
CBD HEC F . -8.17 -0.32 -1.27
CGD HEC F . -8.64 0.85 -0.40
O1D HEC F . -8.58 0.68 0.84
O2D HEC F . -9.07 1.94 -0.89
FE HEC G . -1.08 -10.26 3.30
CHA HEC G . -1.64 -7.56 5.33
CHB HEC G . -1.73 -8.37 0.60
CHC HEC G . -0.18 -12.94 1.23
CHD HEC G . -0.60 -12.25 6.00
NA HEC G . -1.55 -8.28 2.98
C1A HEC G . -1.78 -7.37 3.97
C2A HEC G . -2.17 -6.15 3.36
C3A HEC G . -2.18 -6.34 2.05
C4A HEC G . -1.76 -7.71 1.79
CMA HEC G . -2.52 -5.31 0.96
CAA HEC G . -2.46 -4.84 4.13
CBA HEC G . -1.06 -4.17 4.33
CGA HEC G . -1.34 -2.79 4.89
O1A HEC G . -1.89 -1.94 4.10
O2A HEC G . -1.05 -2.51 6.11
NB HEC G . -1.01 -10.63 1.36
C1B HEC G . -1.33 -9.67 0.40
C2B HEC G . -1.09 -10.22 -0.91
C3B HEC G . -0.64 -11.48 -0.73
C4B HEC G . -0.60 -11.76 0.67
CMB HEC G . -1.32 -9.48 -2.26
CAB HEC G . -0.19 -12.49 -1.84
CBB HEC G . 0.86 -12.12 -2.67
NC HEC G . -0.49 -12.22 3.55
C1C HEC G . -0.25 -13.15 2.56
C2C HEC G . -0.01 -14.39 3.18
C3C HEC G . -0.11 -14.18 4.51
C4C HEC G . -0.43 -12.83 4.75
CMC HEC G . 0.30 -15.68 2.32
CAC HEC G . 0.00 -15.24 5.69
CBC HEC G . 1.03 -16.16 5.69
ND HEC G . -1.12 -9.98 5.31
C1D HEC G . -0.88 -10.92 6.30
C2D HEC G . -0.95 -10.35 7.64
C3D HEC G . -1.31 -8.96 7.42
C4D HEC G . -1.35 -8.78 5.96
CMD HEC G . -0.73 -11.03 9.07
CAD HEC G . -1.57 -7.88 8.54
CBD HEC G . -3.10 -7.67 8.46
CGD HEC G . -3.91 -8.63 9.30
O1D HEC G . -5.13 -8.50 9.31
O2D HEC G . -3.33 -9.48 10.07
FE HEC H . 3.77 -19.23 9.59
CHA HEC H . 6.11 -21.64 9.01
CHB HEC H . 6.08 -17.36 11.32
CHC HEC H . 1.64 -16.58 9.64
CHD HEC H . 1.27 -21.29 8.68
NA HEC H . 5.72 -19.44 10.04
C1A HEC H . 6.49 -20.52 9.72
C2A HEC H . 7.80 -20.32 10.25
C3A HEC H . 7.81 -19.15 10.89
C4A HEC H . 6.50 -18.59 10.79
CMA HEC H . 9.01 -18.49 11.61
CAA HEC H . 8.93 -21.38 10.08
CBA HEC H . 9.78 -21.05 8.89
CGA HEC H . 10.92 -22.07 8.78
O1A HEC H . 10.61 -23.20 8.34
O2A HEC H . 12.10 -21.72 9.10
NB HEC H . 3.82 -17.31 10.36
C1B HEC H . 4.90 -16.74 10.95
C2B HEC H . 4.60 -15.37 11.16
C3B HEC H . 3.38 -15.14 10.67
C4B HEC H . 2.87 -16.39 10.17
CMB HEC H . 5.53 -14.37 11.87
CAB HEC H . 2.60 -13.79 10.63
CBB HEC H . 3.06 -12.80 9.84
NC HEC H . 1.81 -18.96 9.30
C1C HEC H . 1.11 -17.79 9.32
C2C HEC H . -0.25 -18.06 8.98
C3C HEC H . -0.35 -19.39 8.66
C4C HEC H . 0.96 -19.96 8.85
CMC HEC H . -1.33 -16.97 8.93
CAC HEC H . -1.61 -20.27 8.28
CBC HEC H . -2.63 -19.79 7.50
ND HEC H . 3.70 -21.19 8.92
C1D HEC H . 2.53 -21.85 8.58
C2D HEC H . 2.86 -23.20 8.12
C3D HEC H . 4.38 -23.26 8.25
C4D HEC H . 4.80 -21.98 8.76
CMD HEC H . 1.88 -24.30 7.62
CAD HEC H . 5.34 -24.41 7.95
CBD HEC H . 5.26 -25.16 9.28
CGD HEC H . 5.97 -26.49 9.11
O1D HEC H . 5.50 -27.47 9.77
O2D HEC H . 6.99 -26.54 8.33
FE HEC I . 9.53 -16.80 16.71
CHA HEC I . 11.32 -19.38 15.86
CHB HEC I . 6.74 -18.12 15.26
CHC HEC I . 7.48 -14.31 18.17
CHD HEC I . 12.24 -15.06 17.74
NA HEC I . 9.05 -18.53 15.75
C1A HEC I . 9.98 -19.50 15.59
C2A HEC I . 9.32 -20.57 14.89
C3A HEC I . 8.03 -20.27 14.72
C4A HEC I . 7.85 -18.92 15.23
CMA HEC I . 6.97 -21.20 14.06
CAA HEC I . 10.01 -21.92 14.53
CBA HEC I . 9.96 -22.74 15.82
CGA HEC I . 10.75 -24.03 15.64
O1A HEC I . 10.28 -24.93 14.96
O2A HEC I . 11.90 -24.11 16.13
NB HEC I . 7.54 -16.31 16.74
C1B HEC I . 6.60 -16.97 15.98
C2B HEC I . 5.35 -16.34 16.20
C3B HEC I . 5.53 -15.35 17.03
C4B HEC I . 6.90 -15.30 17.38
CMB HEC I . 4.03 -16.87 15.60
CAB HEC I . 4.44 -14.43 17.62
CBB HEC I . 3.53 -15.16 18.31
NC HEC I . 9.80 -15.00 17.76
C1C HEC I . 8.83 -14.11 18.18
C2C HEC I . 9.48 -12.99 18.72
C3C HEC I . 10.83 -13.19 18.58
C4C HEC I . 11.02 -14.48 17.98
CMC HEC I . 8.70 -11.77 19.25
CAC HEC I . 11.99 -12.21 18.98
CBC HEC I . 12.08 -11.49 20.15
ND HEC I . 11.46 -17.09 16.79
C1D HEC I . 12.47 -16.28 17.24
C2D HEC I . 13.75 -16.95 17.15
C3D HEC I . 13.44 -18.22 16.48
C4D HEC I . 12.02 -18.28 16.36
CMD HEC I . 15.16 -16.34 17.53
CAD HEC I . 14.45 -19.39 16.10
CBD HEC I . 14.61 -20.19 17.40
CGD HEC I . 13.66 -21.37 17.25
O1D HEC I . 13.77 -22.10 16.17
O2D HEC I . 12.79 -21.59 18.18
FE HEC J . 14.72 -9.24 24.80
CHA HEC J . 13.34 -7.58 27.45
CHB HEC J . 16.48 -11.16 26.95
CHC HEC J . 15.65 -11.39 22.27
CHD HEC J . 13.68 -7.01 22.57
NA HEC J . 14.84 -9.36 26.84
C1A HEC J . 14.25 -8.54 27.75
C2A HEC J . 14.79 -8.85 29.09
C3A HEC J . 15.66 -9.85 28.95
C4A HEC J . 15.69 -10.19 27.53
CMA HEC J . 16.54 -10.53 30.05
CAA HEC J . 14.37 -8.09 30.37
CBA HEC J . 12.98 -8.60 30.77
CGA HEC J . 13.01 -10.06 31.25
O1A HEC J . 13.51 -10.34 32.42
O2A HEC J . 12.48 -10.93 30.47
NB HEC J . 15.86 -10.98 24.63
C1B HEC J . 16.44 -11.61 25.67
C2B HEC J . 17.03 -12.80 25.21
C3B HEC J . 16.77 -12.88 23.90
C4B HEC J . 16.05 -11.72 23.53
CMB HEC J . 17.85 -13.83 26.10
CAB HEC J . 17.14 -14.06 22.97
CBB HEC J . 16.49 -15.26 23.12
NC HEC J . 14.74 -9.23 22.81
C1C HEC J . 15.20 -10.16 21.92
C2C HEC J . 15.05 -9.66 20.57
C3C HEC J . 14.54 -8.44 20.68
C4C HEC J . 14.32 -8.14 22.08
CMC HEC J . 15.48 -10.43 19.30
CAC HEC J . 14.11 -7.36 19.60
CBC HEC J . 13.24 -7.40 18.56
ND HEC J . 13.71 -7.48 25.00
C1D HEC J . 13.24 -6.82 23.87
C2D HEC J . 12.28 -5.88 24.36
C3D HEC J . 12.19 -6.08 25.83
C4D HEC J . 13.10 -7.10 26.16
CMD HEC J . 11.45 -4.89 23.53
CAD HEC J . 11.29 -5.33 26.82
CBD HEC J . 10.07 -6.24 27.12
CGD HEC J . 9.22 -5.50 28.10
O1D HEC J . 8.95 -4.29 27.97
O2D HEC J . 8.80 -6.11 29.06
#